data_5TCM
#
_entry.id   5TCM
#
_cell.length_a   101.332
_cell.length_b   85.250
_cell.length_c   57.277
_cell.angle_alpha   90.000
_cell.angle_beta   94.460
_cell.angle_gamma   90.000
#
_symmetry.space_group_name_H-M   'C 1 2 1'
#
loop_
_entity.id
_entity.type
_entity.pdbx_description
1 polymer 'Uncharacterized protein'
2 non-polymer 4-{[(7R)-8-cyclopentyl-7-ethyl-5-methyl-6-oxo-5,6,7,8-tetrahydropteridin-2-yl]amino}-3-methoxy-N-(1-methylpiperidin-4-yl)benzamide
3 non-polymer 1,2-ETHANEDIOL
4 water water
#
_entity_poly.entity_id   1
_entity_poly.type   'polypeptide(L)'
_entity_poly.pdbx_seq_one_letter_code
;MHHHHHHSSGRENLYFQGYNEADVAALVRSLDRAEDHHIFAVDVLETYPYLAESYTKVCPRRCDLATAAQKALEGAYSYD
LRLEGLKADIALMASNCVAYNGPTSAYAETAAKFERYALEQIDAFVLEHN
;
_entity_poly.pdbx_strand_id   A,B,C
#
# COMPACT_ATOMS: atom_id res chain seq x y z
N TYR A 15 7.90 1.98 -19.89
CA TYR A 15 9.12 2.01 -19.08
C TYR A 15 9.26 3.37 -18.36
N PHE A 16 8.19 3.81 -17.68
CA PHE A 16 8.17 5.10 -16.96
C PHE A 16 9.35 5.19 -15.98
N GLN A 17 10.05 6.34 -15.97
CA GLN A 17 11.26 6.54 -15.17
C GLN A 17 10.97 6.83 -13.69
N GLY A 18 9.78 7.38 -13.41
CA GLY A 18 9.38 7.77 -12.07
C GLY A 18 9.57 9.26 -11.83
N TYR A 19 8.71 9.86 -10.99
CA TYR A 19 8.80 11.30 -10.66
C TYR A 19 9.89 11.56 -9.67
N ASN A 20 10.60 12.69 -9.81
CA ASN A 20 11.66 13.05 -8.86
C ASN A 20 11.09 13.19 -7.44
N GLU A 21 11.68 12.49 -6.46
CA GLU A 21 11.21 12.44 -5.06
C GLU A 21 11.08 13.85 -4.44
N ALA A 22 12.11 14.68 -4.60
CA ALA A 22 12.09 16.07 -4.06
C ALA A 22 10.96 16.90 -4.67
N ASP A 23 10.65 16.68 -5.99
CA ASP A 23 9.52 17.37 -6.64
C ASP A 23 8.19 16.90 -6.04
N VAL A 24 8.04 15.58 -5.79
CA VAL A 24 6.81 15.04 -5.19
C VAL A 24 6.69 15.54 -3.75
N ALA A 25 7.80 15.58 -3.00
CA ALA A 25 7.77 16.05 -1.61
C ALA A 25 7.36 17.54 -1.54
N ALA A 26 7.85 18.38 -2.47
CA ALA A 26 7.47 19.81 -2.52
C ALA A 26 6.01 19.96 -2.93
N LEU A 27 5.51 19.10 -3.83
CA LEU A 27 4.10 19.11 -4.16
C LEU A 27 3.27 18.82 -2.88
N VAL A 28 3.67 17.80 -2.09
CA VAL A 28 2.97 17.42 -0.85
C VAL A 28 2.96 18.61 0.15
N ARG A 29 4.14 19.21 0.39
N ARG A 29 4.12 19.22 0.40
CA ARG A 29 4.28 20.36 1.30
CA ARG A 29 4.21 20.34 1.35
C ARG A 29 3.33 21.51 0.91
C ARG A 29 3.35 21.54 0.91
N SER A 30 3.15 21.74 -0.41
CA SER A 30 2.29 22.83 -0.92
C SER A 30 0.79 22.58 -0.62
N LEU A 31 0.40 21.35 -0.23
CA LEU A 31 -0.99 21.02 0.09
C LEU A 31 -1.35 21.41 1.55
N ASP A 32 -0.35 21.90 2.35
CA ASP A 32 -0.55 22.35 3.74
C ASP A 32 -0.90 23.87 3.74
N ARG A 33 -2.21 24.17 3.82
CA ARG A 33 -2.76 25.51 3.70
C ARG A 33 -3.19 26.11 5.02
N ALA A 34 -3.03 27.44 5.16
CA ALA A 34 -3.50 28.21 6.33
C ALA A 34 -5.03 28.27 6.29
N GLU A 35 -5.61 28.32 5.06
CA GLU A 35 -7.07 28.23 4.79
C GLU A 35 -7.73 27.00 5.48
N ASP A 36 -6.98 25.88 5.61
CA ASP A 36 -7.49 24.67 6.26
C ASP A 36 -7.05 24.62 7.75
N HIS A 37 -6.51 25.72 8.27
CA HIS A 37 -5.97 25.85 9.63
C HIS A 37 -4.91 24.78 9.91
N HIS A 38 -4.15 24.36 8.86
CA HIS A 38 -3.04 23.40 8.97
C HIS A 38 -3.44 22.09 9.71
N ILE A 39 -4.73 21.67 9.68
CA ILE A 39 -5.14 20.48 10.46
C ILE A 39 -4.70 19.15 9.77
N PHE A 40 -4.19 19.16 8.55
CA PHE A 40 -3.71 17.94 7.89
C PHE A 40 -2.16 17.87 7.89
N ALA A 41 -1.50 18.81 8.58
CA ALA A 41 -0.04 18.90 8.57
C ALA A 41 0.65 17.84 9.41
N VAL A 42 0.06 17.45 10.57
CA VAL A 42 0.72 16.56 11.53
C VAL A 42 -0.24 15.45 11.96
N ASP A 43 0.31 14.29 12.34
CA ASP A 43 -0.44 13.15 12.84
C ASP A 43 -1.38 13.62 13.98
N VAL A 44 -2.66 13.26 13.88
CA VAL A 44 -3.69 13.63 14.87
C VAL A 44 -3.31 13.12 16.30
N LEU A 45 -2.71 11.92 16.39
CA LEU A 45 -2.36 11.34 17.68
C LEU A 45 -1.08 11.92 18.24
N GLU A 46 -0.31 12.66 17.44
CA GLU A 46 0.86 13.38 17.92
C GLU A 46 0.37 14.67 18.61
N THR A 47 -0.61 15.38 18.00
CA THR A 47 -1.21 16.61 18.58
C THR A 47 -2.08 16.27 19.80
N TYR A 48 -2.86 15.19 19.73
CA TYR A 48 -3.80 14.80 20.80
C TYR A 48 -3.62 13.34 21.19
N PRO A 49 -2.57 13.02 21.97
CA PRO A 49 -2.33 11.60 22.33
C PRO A 49 -3.50 10.89 23.04
N TYR A 50 -4.35 11.60 23.81
CA TYR A 50 -5.43 10.90 24.54
C TYR A 50 -6.60 10.49 23.62
N LEU A 51 -6.58 10.88 22.32
CA LEU A 51 -7.59 10.43 21.37
C LEU A 51 -7.31 9.02 20.82
N ALA A 52 -6.12 8.41 21.12
CA ALA A 52 -5.67 7.15 20.54
C ALA A 52 -6.76 6.06 20.50
N GLU A 53 -7.33 5.70 21.65
CA GLU A 53 -8.37 4.64 21.70
C GLU A 53 -9.62 5.03 20.88
N SER A 54 -10.19 6.21 21.15
CA SER A 54 -11.43 6.64 20.50
C SER A 54 -11.25 6.86 18.97
N TYR A 55 -10.18 7.55 18.58
CA TYR A 55 -9.93 7.91 17.18
C TYR A 55 -9.54 6.66 16.33
N THR A 56 -8.71 5.73 16.87
CA THR A 56 -8.31 4.52 16.12
C THR A 56 -9.51 3.55 15.94
N LYS A 57 -10.52 3.61 16.83
CA LYS A 57 -11.75 2.83 16.71
C LYS A 57 -12.54 3.27 15.45
N VAL A 58 -12.61 4.58 15.19
CA VAL A 58 -13.31 5.12 14.03
C VAL A 58 -12.38 5.10 12.78
N CYS A 59 -11.06 5.39 12.99
CA CYS A 59 -10.07 5.50 11.91
C CYS A 59 -8.90 4.55 12.16
N PRO A 60 -9.00 3.27 11.73
CA PRO A 60 -7.90 2.34 11.99
C PRO A 60 -6.61 2.67 11.19
N ARG A 61 -6.74 3.46 10.09
CA ARG A 61 -5.61 3.90 9.28
C ARG A 61 -5.55 5.44 9.33
N ARG A 62 -4.34 6.01 9.44
CA ARG A 62 -4.15 7.45 9.44
C ARG A 62 -3.08 7.84 8.47
N CYS A 63 -3.09 9.12 8.11
CA CYS A 63 -2.02 9.74 7.35
C CYS A 63 -2.13 11.21 7.53
N ASP A 64 -1.05 11.92 7.18
CA ASP A 64 -0.99 13.37 7.30
C ASP A 64 0.09 13.86 6.33
N LEU A 65 0.21 15.17 6.12
CA LEU A 65 1.11 15.69 5.11
C LEU A 65 2.60 15.62 5.52
N ALA A 66 2.92 15.60 6.84
CA ALA A 66 4.33 15.44 7.24
C ALA A 66 4.79 13.99 6.96
N THR A 67 3.90 13.01 7.24
CA THR A 67 4.16 11.61 6.90
C THR A 67 4.21 11.43 5.37
N ALA A 68 3.26 12.02 4.63
CA ALA A 68 3.25 11.89 3.17
C ALA A 68 4.51 12.52 2.53
N ALA A 69 4.99 13.65 3.08
CA ALA A 69 6.21 14.29 2.56
C ALA A 69 7.42 13.36 2.76
N GLN A 70 7.51 12.73 3.94
CA GLN A 70 8.59 11.79 4.25
C GLN A 70 8.45 10.54 3.35
N LYS A 71 7.23 10.05 3.13
CA LYS A 71 6.99 8.94 2.20
C LYS A 71 7.42 9.31 0.78
N ALA A 72 7.11 10.53 0.35
CA ALA A 72 7.51 11.02 -0.98
C ALA A 72 9.02 10.97 -1.16
N LEU A 73 9.79 11.28 -0.09
CA LEU A 73 11.26 11.27 -0.16
C LEU A 73 11.81 9.84 -0.19
N GLU A 74 11.01 8.82 0.24
CA GLU A 74 11.37 7.39 0.17
C GLU A 74 11.10 6.75 -1.21
N GLY A 75 10.43 7.49 -2.10
CA GLY A 75 10.03 6.99 -3.41
C GLY A 75 8.69 6.26 -3.39
N ALA A 76 7.86 6.48 -2.35
CA ALA A 76 6.57 5.77 -2.17
C ALA A 76 5.58 6.05 -3.28
N TYR A 77 5.61 7.26 -3.85
CA TYR A 77 4.67 7.68 -4.88
C TYR A 77 5.25 7.88 -6.26
N SER A 78 6.60 7.90 -6.39
N SER A 78 6.59 7.88 -6.38
CA SER A 78 7.28 8.26 -7.64
CA SER A 78 7.31 8.22 -7.62
C SER A 78 6.95 7.34 -8.83
C SER A 78 6.94 7.34 -8.82
N TYR A 79 6.68 6.05 -8.60
CA TYR A 79 6.46 5.11 -9.72
C TYR A 79 4.97 5.01 -10.17
N ASP A 80 4.05 5.72 -9.52
CA ASP A 80 2.64 5.77 -9.95
C ASP A 80 2.49 6.87 -11.00
N LEU A 81 2.15 6.49 -12.27
CA LEU A 81 2.04 7.42 -13.41
C LEU A 81 1.13 8.61 -13.13
N ARG A 82 0.02 8.40 -12.41
CA ARG A 82 -0.91 9.46 -12.09
C ARG A 82 -0.94 9.70 -10.56
N LEU A 83 0.17 9.39 -9.85
CA LEU A 83 0.31 9.60 -8.40
C LEU A 83 -0.91 9.02 -7.62
N GLU A 84 -1.38 7.85 -8.05
CA GLU A 84 -2.52 7.13 -7.45
C GLU A 84 -2.35 6.91 -5.91
N GLY A 85 -1.16 6.50 -5.50
CA GLY A 85 -0.86 6.26 -4.09
C GLY A 85 -0.95 7.50 -3.24
N LEU A 86 -0.48 8.63 -3.74
CA LEU A 86 -0.59 9.90 -3.02
C LEU A 86 -2.05 10.32 -2.90
N LYS A 87 -2.80 10.21 -4.00
CA LYS A 87 -4.22 10.53 -4.00
C LYS A 87 -4.97 9.70 -2.94
N ALA A 88 -4.64 8.40 -2.82
CA ALA A 88 -5.28 7.53 -1.80
C ALA A 88 -4.92 8.01 -0.37
N ASP A 89 -3.70 8.50 -0.17
CA ASP A 89 -3.30 9.01 1.14
C ASP A 89 -4.01 10.31 1.45
N ILE A 90 -4.20 11.17 0.44
CA ILE A 90 -4.97 12.39 0.59
C ILE A 90 -6.42 12.03 0.92
N ALA A 91 -7.01 11.10 0.14
CA ALA A 91 -8.39 10.67 0.36
C ALA A 91 -8.58 10.10 1.80
N LEU A 92 -7.59 9.36 2.34
CA LEU A 92 -7.65 8.82 3.71
C LEU A 92 -7.68 9.98 4.74
N MET A 93 -6.84 11.02 4.54
CA MET A 93 -6.79 12.19 5.42
C MET A 93 -8.16 12.85 5.50
N ALA A 94 -8.76 13.11 4.34
CA ALA A 94 -10.06 13.78 4.26
C ALA A 94 -11.16 12.87 4.77
N SER A 95 -11.12 11.56 4.42
CA SER A 95 -12.14 10.61 4.86
C SER A 95 -12.20 10.53 6.42
N ASN A 96 -11.04 10.47 7.07
CA ASN A 96 -10.97 10.35 8.53
C ASN A 96 -11.54 11.57 9.21
N CYS A 97 -11.25 12.76 8.66
CA CYS A 97 -11.72 14.03 9.20
C CYS A 97 -13.25 14.09 9.14
N VAL A 98 -13.82 13.66 8.02
CA VAL A 98 -15.28 13.66 7.84
C VAL A 98 -15.91 12.65 8.81
N ALA A 99 -15.32 11.43 8.93
CA ALA A 99 -15.83 10.36 9.78
C ALA A 99 -15.72 10.68 11.27
N TYR A 100 -14.60 11.22 11.73
CA TYR A 100 -14.41 11.44 13.15
C TYR A 100 -15.18 12.65 13.64
N ASN A 101 -15.12 13.77 12.90
CA ASN A 101 -15.77 15.01 13.34
C ASN A 101 -17.27 15.03 13.01
N GLY A 102 -17.66 14.39 11.90
CA GLY A 102 -19.06 14.32 11.50
C GLY A 102 -19.30 14.99 10.16
N PRO A 103 -20.13 14.39 9.27
CA PRO A 103 -20.34 14.98 7.92
C PRO A 103 -20.93 16.41 7.90
N THR A 104 -21.66 16.79 8.97
CA THR A 104 -22.25 18.14 9.06
C THR A 104 -21.36 19.09 9.88
N SER A 105 -20.13 18.66 10.28
CA SER A 105 -19.23 19.52 11.06
C SER A 105 -18.56 20.54 10.13
N ALA A 106 -18.01 21.60 10.69
CA ALA A 106 -17.39 22.67 9.89
C ALA A 106 -16.09 22.20 9.25
N TYR A 107 -15.30 21.37 9.97
CA TYR A 107 -14.03 20.90 9.44
C TYR A 107 -14.22 19.74 8.44
N ALA A 108 -15.44 19.13 8.36
CA ALA A 108 -15.71 18.12 7.30
C ALA A 108 -15.83 18.85 5.95
N GLU A 109 -16.31 20.12 5.96
CA GLU A 109 -16.35 20.94 4.74
C GLU A 109 -14.92 21.34 4.37
N THR A 110 -14.10 21.69 5.37
CA THR A 110 -12.68 21.98 5.14
C THR A 110 -12.00 20.76 4.49
N ALA A 111 -12.36 19.55 4.95
CA ALA A 111 -11.80 18.29 4.45
C ALA A 111 -12.13 18.09 2.97
N ALA A 112 -13.39 18.37 2.56
CA ALA A 112 -13.80 18.24 1.16
C ALA A 112 -13.08 19.26 0.25
N LYS A 113 -12.90 20.50 0.75
CA LYS A 113 -12.17 21.55 0.02
C LYS A 113 -10.71 21.22 -0.12
N PHE A 114 -10.09 20.76 0.97
CA PHE A 114 -8.69 20.34 0.96
C PHE A 114 -8.49 19.22 -0.11
N GLU A 115 -9.30 18.16 -0.06
CA GLU A 115 -9.22 17.05 -1.00
C GLU A 115 -9.35 17.54 -2.46
N ARG A 116 -10.32 18.40 -2.72
CA ARG A 116 -10.55 18.92 -4.06
C ARG A 116 -9.33 19.74 -4.54
N TYR A 117 -8.76 20.58 -3.64
CA TYR A 117 -7.58 21.38 -3.95
C TYR A 117 -6.42 20.46 -4.23
N ALA A 118 -6.16 19.53 -3.30
CA ALA A 118 -5.05 18.57 -3.41
C ALA A 118 -5.11 17.77 -4.71
N LEU A 119 -6.28 17.27 -5.08
CA LEU A 119 -6.42 16.47 -6.32
C LEU A 119 -6.15 17.33 -7.56
N GLU A 120 -6.54 18.60 -7.55
CA GLU A 120 -6.26 19.50 -8.68
C GLU A 120 -4.76 19.78 -8.78
N GLN A 121 -4.06 19.92 -7.63
CA GLN A 121 -2.62 20.18 -7.62
C GLN A 121 -1.83 18.93 -8.06
N ILE A 122 -2.30 17.74 -7.70
CA ILE A 122 -1.70 16.48 -8.13
C ILE A 122 -1.89 16.31 -9.66
N ASP A 123 -3.12 16.46 -10.17
CA ASP A 123 -3.39 16.35 -11.62
C ASP A 123 -2.58 17.38 -12.42
N ALA A 124 -2.39 18.60 -11.86
CA ALA A 124 -1.58 19.65 -12.51
C ALA A 124 -0.11 19.24 -12.57
N PHE A 125 0.39 18.60 -11.49
CA PHE A 125 1.76 18.10 -11.41
C PHE A 125 1.96 17.03 -12.48
N VAL A 126 1.04 16.09 -12.56
CA VAL A 126 1.11 14.99 -13.53
C VAL A 126 1.12 15.56 -14.96
N LEU A 127 0.24 16.54 -15.26
CA LEU A 127 0.21 17.17 -16.59
C LEU A 127 1.54 17.93 -16.90
N GLU A 128 2.10 18.64 -15.90
CA GLU A 128 3.37 19.37 -16.05
C GLU A 128 4.56 18.41 -16.25
N HIS A 129 4.68 17.36 -15.41
CA HIS A 129 5.81 16.42 -15.48
C HIS A 129 5.51 15.23 -16.44
N ASN A 130 4.81 15.48 -17.58
CA ASN A 130 4.50 14.46 -18.58
C ASN A 130 4.92 14.95 -19.97
N PHE B 16 -8.35 10.71 -14.99
CA PHE B 16 -9.32 9.79 -14.40
C PHE B 16 -9.77 10.34 -13.04
N GLN B 17 -11.11 10.54 -12.86
CA GLN B 17 -11.66 11.15 -11.63
C GLN B 17 -11.68 10.15 -10.45
N GLY B 18 -11.54 8.85 -10.74
CA GLY B 18 -11.58 7.82 -9.72
C GLY B 18 -12.97 7.21 -9.60
N TYR B 19 -13.05 5.97 -9.11
CA TYR B 19 -14.33 5.30 -8.95
C TYR B 19 -15.06 5.80 -7.73
N ASN B 20 -16.41 5.81 -7.76
CA ASN B 20 -17.22 6.23 -6.61
C ASN B 20 -16.95 5.27 -5.43
N GLU B 21 -16.62 5.83 -4.24
CA GLU B 21 -16.23 5.04 -3.06
C GLU B 21 -17.35 4.08 -2.60
N ALA B 22 -18.61 4.56 -2.57
CA ALA B 22 -19.75 3.74 -2.13
C ALA B 22 -19.99 2.57 -3.11
N ASP B 23 -19.79 2.80 -4.42
CA ASP B 23 -19.91 1.74 -5.42
C ASP B 23 -18.81 0.69 -5.24
N VAL B 24 -17.57 1.11 -4.94
CA VAL B 24 -16.48 0.16 -4.70
C VAL B 24 -16.80 -0.64 -3.43
N ALA B 25 -17.28 0.03 -2.39
CA ALA B 25 -17.62 -0.67 -1.15
C ALA B 25 -18.74 -1.70 -1.37
N ALA B 26 -19.74 -1.40 -2.23
CA ALA B 26 -20.83 -2.34 -2.49
C ALA B 26 -20.31 -3.55 -3.28
N LEU B 27 -19.43 -3.30 -4.25
CA LEU B 27 -18.74 -4.37 -4.98
C LEU B 27 -18.04 -5.32 -3.98
N VAL B 28 -17.30 -4.76 -3.01
CA VAL B 28 -16.61 -5.57 -2.00
C VAL B 28 -17.63 -6.40 -1.16
N ARG B 29 -18.74 -5.76 -0.74
N ARG B 29 -18.74 -5.77 -0.75
CA ARG B 29 -19.77 -6.45 0.05
CA ARG B 29 -19.74 -6.44 0.08
C ARG B 29 -20.37 -7.63 -0.71
C ARG B 29 -20.46 -7.59 -0.69
N SER B 30 -20.51 -7.51 -2.04
CA SER B 30 -21.11 -8.57 -2.86
C SER B 30 -20.16 -9.81 -3.00
N LEU B 31 -18.88 -9.67 -2.63
CA LEU B 31 -17.91 -10.78 -2.68
C LEU B 31 -18.00 -11.70 -1.44
N ASP B 32 -18.79 -11.31 -0.44
CA ASP B 32 -19.02 -12.13 0.77
C ASP B 32 -20.14 -13.13 0.46
N ARG B 33 -19.77 -14.36 0.10
CA ARG B 33 -20.73 -15.36 -0.35
C ARG B 33 -21.05 -16.43 0.71
N ALA B 34 -22.33 -16.89 0.70
CA ALA B 34 -22.80 -17.99 1.54
C ALA B 34 -22.14 -19.32 1.15
N GLU B 35 -21.84 -19.50 -0.16
CA GLU B 35 -21.20 -20.73 -0.62
C GLU B 35 -19.72 -20.82 -0.20
N ASP B 36 -19.11 -19.70 0.27
CA ASP B 36 -17.76 -19.70 0.87
C ASP B 36 -17.87 -19.77 2.42
N HIS B 37 -19.11 -19.97 2.92
CA HIS B 37 -19.46 -20.00 4.34
C HIS B 37 -19.03 -18.70 5.05
N HIS B 38 -19.03 -17.58 4.30
CA HIS B 38 -18.67 -16.23 4.80
C HIS B 38 -17.30 -16.21 5.57
N ILE B 39 -16.35 -17.11 5.24
CA ILE B 39 -15.08 -17.15 5.98
C ILE B 39 -14.15 -15.94 5.62
N PHE B 40 -14.45 -15.14 4.58
CA PHE B 40 -13.64 -13.94 4.26
C PHE B 40 -14.32 -12.66 4.73
N ALA B 41 -15.44 -12.78 5.46
CA ALA B 41 -16.25 -11.63 5.86
C ALA B 41 -15.59 -10.80 6.93
N VAL B 42 -14.88 -11.43 7.88
CA VAL B 42 -14.38 -10.76 9.08
C VAL B 42 -12.93 -11.17 9.35
N ASP B 43 -12.12 -10.24 9.91
CA ASP B 43 -10.75 -10.50 10.36
C ASP B 43 -10.69 -11.82 11.17
N VAL B 44 -9.79 -12.76 10.76
CA VAL B 44 -9.63 -14.07 11.40
C VAL B 44 -9.35 -13.95 12.92
N LEU B 45 -8.57 -12.93 13.31
CA LEU B 45 -8.15 -12.73 14.69
C LEU B 45 -9.25 -12.05 15.52
N GLU B 46 -10.32 -11.59 14.89
CA GLU B 46 -11.49 -11.08 15.59
C GLU B 46 -12.37 -12.28 15.99
N THR B 47 -12.57 -13.21 15.04
CA THR B 47 -13.32 -14.45 15.28
C THR B 47 -12.56 -15.34 16.23
N TYR B 48 -11.25 -15.49 16.02
CA TYR B 48 -10.41 -16.38 16.83
C TYR B 48 -9.22 -15.66 17.43
N PRO B 49 -9.42 -14.91 18.53
CA PRO B 49 -8.28 -14.16 19.11
C PRO B 49 -7.07 -15.02 19.55
N TYR B 50 -7.27 -16.29 19.98
CA TYR B 50 -6.12 -17.10 20.42
C TYR B 50 -5.27 -17.64 19.25
N LEU B 51 -5.70 -17.44 17.98
CA LEU B 51 -4.88 -17.81 16.83
C LEU B 51 -3.76 -16.78 16.56
N ALA B 52 -3.76 -15.62 17.24
CA ALA B 52 -2.85 -14.49 16.93
C ALA B 52 -1.43 -14.92 16.74
N GLU B 53 -0.83 -15.62 17.71
CA GLU B 53 0.58 -16.00 17.59
C GLU B 53 0.82 -16.99 16.41
N SER B 54 0.08 -18.09 16.37
CA SER B 54 0.29 -19.11 15.32
C SER B 54 -0.08 -18.59 13.90
N TYR B 55 -1.19 -17.84 13.78
CA TYR B 55 -1.64 -17.34 12.47
C TYR B 55 -0.68 -16.24 11.93
N THR B 56 -0.27 -15.27 12.79
N THR B 56 -0.26 -15.28 12.78
CA THR B 56 0.65 -14.17 12.35
CA THR B 56 0.63 -14.18 12.35
C THR B 56 2.01 -14.72 11.90
C THR B 56 2.02 -14.71 11.91
N LYS B 57 2.48 -15.82 12.51
CA LYS B 57 3.76 -16.46 12.16
C LYS B 57 3.70 -16.97 10.68
N VAL B 58 2.57 -17.52 10.27
CA VAL B 58 2.35 -17.97 8.89
C VAL B 58 1.92 -16.78 7.99
N CYS B 59 1.04 -15.89 8.52
CA CYS B 59 0.42 -14.79 7.75
C CYS B 59 0.69 -13.43 8.41
N PRO B 60 1.84 -12.76 8.14
CA PRO B 60 2.12 -11.48 8.82
C PRO B 60 1.21 -10.33 8.34
N ARG B 61 0.62 -10.44 7.14
CA ARG B 61 -0.32 -9.47 6.63
C ARG B 61 -1.69 -10.13 6.51
N ARG B 62 -2.75 -9.39 6.83
CA ARG B 62 -4.10 -9.89 6.74
C ARG B 62 -5.03 -8.91 6.10
N CYS B 63 -6.17 -9.42 5.64
CA CYS B 63 -7.27 -8.59 5.17
C CYS B 63 -8.50 -9.42 5.17
N ASP B 64 -9.64 -8.78 5.07
CA ASP B 64 -10.95 -9.44 5.04
C ASP B 64 -11.91 -8.47 4.39
N LEU B 65 -13.10 -8.93 4.04
CA LEU B 65 -14.06 -8.10 3.28
C LEU B 65 -14.63 -6.94 4.11
N ALA B 66 -14.80 -7.09 5.43
CA ALA B 66 -15.27 -5.98 6.23
C ALA B 66 -14.21 -4.83 6.24
N THR B 67 -12.93 -5.20 6.39
CA THR B 67 -11.83 -4.23 6.36
C THR B 67 -11.71 -3.61 4.97
N ALA B 68 -11.79 -4.43 3.90
CA ALA B 68 -11.68 -3.92 2.54
C ALA B 68 -12.84 -2.97 2.17
N ALA B 69 -14.06 -3.23 2.67
CA ALA B 69 -15.21 -2.33 2.42
C ALA B 69 -15.01 -0.98 3.12
N GLN B 70 -14.37 -0.99 4.28
CA GLN B 70 -14.08 0.23 5.02
C GLN B 70 -12.96 1.02 4.29
N LYS B 71 -11.97 0.31 3.77
CA LYS B 71 -10.90 0.90 2.97
C LYS B 71 -11.49 1.49 1.70
N ALA B 72 -12.43 0.78 1.06
CA ALA B 72 -13.09 1.31 -0.14
C ALA B 72 -13.79 2.65 0.16
N LEU B 73 -14.41 2.79 1.34
CA LEU B 73 -15.09 4.04 1.74
C LEU B 73 -14.08 5.17 2.03
N GLU B 74 -12.85 4.83 2.38
CA GLU B 74 -11.76 5.80 2.59
C GLU B 74 -11.13 6.30 1.27
N GLY B 75 -11.42 5.65 0.14
CA GLY B 75 -10.86 5.99 -1.17
C GLY B 75 -9.60 5.20 -1.50
N ALA B 76 -9.31 4.14 -0.72
CA ALA B 76 -8.07 3.35 -0.87
C ALA B 76 -7.89 2.78 -2.30
N TYR B 77 -8.98 2.42 -2.95
CA TYR B 77 -8.92 1.77 -4.26
C TYR B 77 -9.46 2.59 -5.41
N SER B 78 -10.08 3.75 -5.14
N SER B 78 -10.07 3.76 -5.14
CA SER B 78 -10.81 4.54 -6.13
CA SER B 78 -10.80 4.56 -6.13
C SER B 78 -9.94 5.05 -7.31
C SER B 78 -9.93 5.05 -7.30
N TYR B 79 -8.65 5.35 -7.08
CA TYR B 79 -7.80 5.92 -8.15
C TYR B 79 -7.04 4.86 -8.97
N ASP B 80 -7.12 3.57 -8.63
CA ASP B 80 -6.48 2.55 -9.47
C ASP B 80 -7.46 2.25 -10.62
N LEU B 81 -7.04 2.55 -11.86
CA LEU B 81 -7.89 2.38 -13.05
C LEU B 81 -8.46 0.97 -13.20
N ARG B 82 -7.70 -0.06 -12.82
CA ARG B 82 -8.17 -1.43 -12.94
C ARG B 82 -8.34 -2.07 -11.55
N LEU B 83 -8.55 -1.22 -10.52
CA LEU B 83 -8.75 -1.63 -9.14
C LEU B 83 -7.65 -2.60 -8.67
N GLU B 84 -6.40 -2.33 -9.09
CA GLU B 84 -5.20 -3.14 -8.76
C GLU B 84 -5.07 -3.38 -7.25
N GLY B 85 -5.21 -2.32 -6.45
CA GLY B 85 -5.10 -2.41 -5.00
C GLY B 85 -6.16 -3.27 -4.35
N LEU B 86 -7.38 -3.26 -4.88
CA LEU B 86 -8.40 -4.15 -4.35
C LEU B 86 -8.06 -5.62 -4.72
N LYS B 87 -7.61 -5.85 -5.95
CA LYS B 87 -7.21 -7.20 -6.40
C LYS B 87 -6.10 -7.78 -5.50
N ALA B 88 -5.09 -6.96 -5.10
CA ALA B 88 -4.02 -7.41 -4.19
C ALA B 88 -4.57 -7.82 -2.78
N ASP B 89 -5.57 -7.07 -2.26
CA ASP B 89 -6.15 -7.39 -0.96
C ASP B 89 -6.95 -8.67 -1.01
N ILE B 90 -7.68 -8.89 -2.10
CA ILE B 90 -8.40 -10.15 -2.33
C ILE B 90 -7.39 -11.28 -2.42
N ALA B 91 -6.32 -11.09 -3.23
CA ALA B 91 -5.26 -12.09 -3.40
C ALA B 91 -4.63 -12.45 -2.05
N LEU B 92 -4.44 -11.47 -1.15
CA LEU B 92 -3.90 -11.71 0.20
C LEU B 92 -4.85 -12.58 1.01
N MET B 93 -6.17 -12.30 0.93
CA MET B 93 -7.20 -13.07 1.66
C MET B 93 -7.14 -14.53 1.23
N ALA B 94 -7.12 -14.78 -0.10
CA ALA B 94 -7.08 -16.13 -0.64
C ALA B 94 -5.76 -16.82 -0.33
N SER B 95 -4.63 -16.09 -0.50
CA SER B 95 -3.29 -16.64 -0.26
C SER B 95 -3.12 -17.12 1.21
N ASN B 96 -3.57 -16.32 2.16
CA ASN B 96 -3.49 -16.65 3.60
C ASN B 96 -4.30 -17.88 3.93
N CYS B 97 -5.50 -17.98 3.37
CA CYS B 97 -6.38 -19.12 3.58
C CYS B 97 -5.71 -20.40 3.12
N VAL B 98 -5.09 -20.37 1.94
CA VAL B 98 -4.44 -21.55 1.37
C VAL B 98 -3.21 -21.92 2.22
N ALA B 99 -2.38 -20.93 2.56
CA ALA B 99 -1.15 -21.18 3.32
C ALA B 99 -1.43 -21.69 4.72
N TYR B 100 -2.40 -21.10 5.42
CA TYR B 100 -2.65 -21.47 6.81
C TYR B 100 -3.42 -22.80 6.94
N ASN B 101 -4.39 -23.05 6.08
CA ASN B 101 -5.19 -24.27 6.15
C ASN B 101 -4.50 -25.45 5.47
N GLY B 102 -3.71 -25.15 4.42
CA GLY B 102 -3.02 -26.17 3.64
C GLY B 102 -3.57 -26.23 2.23
N PRO B 103 -2.71 -26.44 1.21
CA PRO B 103 -3.21 -26.41 -0.19
C PRO B 103 -4.18 -27.54 -0.56
N THR B 104 -4.19 -28.66 0.19
CA THR B 104 -5.09 -29.78 -0.08
C THR B 104 -6.37 -29.69 0.77
N SER B 105 -6.46 -28.72 1.70
CA SER B 105 -7.65 -28.57 2.56
C SER B 105 -8.85 -28.11 1.74
N ALA B 106 -10.07 -28.41 2.20
CA ALA B 106 -11.29 -28.06 1.46
C ALA B 106 -11.47 -26.54 1.35
N TYR B 107 -11.10 -25.78 2.40
CA TYR B 107 -11.27 -24.34 2.37
C TYR B 107 -10.15 -23.68 1.53
N ALA B 108 -9.09 -24.40 1.16
CA ALA B 108 -8.12 -23.90 0.17
C ALA B 108 -8.79 -23.83 -1.19
N GLU B 109 -9.62 -24.83 -1.52
CA GLU B 109 -10.38 -24.85 -2.77
C GLU B 109 -11.42 -23.72 -2.78
N THR B 110 -12.12 -23.44 -1.65
CA THR B 110 -13.07 -22.30 -1.63
C THR B 110 -12.31 -20.98 -1.82
N ALA B 111 -11.07 -20.88 -1.30
CA ALA B 111 -10.22 -19.67 -1.47
C ALA B 111 -9.95 -19.42 -2.97
N ALA B 112 -9.63 -20.47 -3.72
CA ALA B 112 -9.41 -20.36 -5.18
C ALA B 112 -10.73 -19.97 -5.90
N LYS B 113 -11.87 -20.60 -5.53
CA LYS B 113 -13.18 -20.27 -6.10
C LYS B 113 -13.57 -18.83 -5.77
N PHE B 114 -13.39 -18.42 -4.51
CA PHE B 114 -13.69 -17.05 -4.05
C PHE B 114 -12.84 -16.04 -4.84
N GLU B 115 -11.52 -16.28 -4.93
CA GLU B 115 -10.61 -15.41 -5.65
C GLU B 115 -10.99 -15.28 -7.13
N ARG B 116 -11.37 -16.39 -7.78
CA ARG B 116 -11.74 -16.37 -9.21
C ARG B 116 -13.03 -15.54 -9.41
N TYR B 117 -14.04 -15.73 -8.54
CA TYR B 117 -15.31 -14.97 -8.59
C TYR B 117 -15.04 -13.51 -8.38
N ALA B 118 -14.28 -13.18 -7.33
CA ALA B 118 -13.94 -11.79 -6.98
C ALA B 118 -13.30 -11.06 -8.17
N LEU B 119 -12.29 -11.68 -8.80
CA LEU B 119 -11.60 -11.09 -9.94
C LEU B 119 -12.54 -10.88 -11.13
N GLU B 120 -13.45 -11.81 -11.38
CA GLU B 120 -14.47 -11.65 -12.42
C GLU B 120 -15.40 -10.45 -12.09
N GLN B 121 -15.84 -10.32 -10.84
CA GLN B 121 -16.73 -9.21 -10.47
C GLN B 121 -16.00 -7.86 -10.51
N ILE B 122 -14.71 -7.86 -10.18
CA ILE B 122 -13.89 -6.64 -10.23
C ILE B 122 -13.69 -6.25 -11.70
N ASP B 123 -13.37 -7.22 -12.58
CA ASP B 123 -13.21 -6.94 -14.03
C ASP B 123 -14.52 -6.42 -14.63
N ALA B 124 -15.65 -7.00 -14.23
CA ALA B 124 -16.97 -6.54 -14.71
C ALA B 124 -17.28 -5.12 -14.19
N PHE B 125 -16.95 -4.84 -12.94
CA PHE B 125 -17.10 -3.48 -12.40
C PHE B 125 -16.26 -2.46 -13.23
N VAL B 126 -15.01 -2.81 -13.54
CA VAL B 126 -14.12 -1.92 -14.30
C VAL B 126 -14.70 -1.68 -15.73
N LEU B 127 -15.14 -2.76 -16.42
CA LEU B 127 -15.74 -2.63 -17.75
C LEU B 127 -16.98 -1.71 -17.71
N GLU B 128 -17.85 -1.90 -16.69
CA GLU B 128 -19.09 -1.13 -16.51
C GLU B 128 -18.85 0.38 -16.27
N HIS B 129 -17.92 0.72 -15.36
CA HIS B 129 -17.70 2.12 -14.97
C HIS B 129 -16.55 2.77 -15.77
N ASN B 130 -16.57 2.62 -17.12
CA ASN B 130 -15.59 3.26 -18.02
C ASN B 130 -16.18 3.42 -19.43
N PHE C 16 -5.05 -6.04 -16.45
CA PHE C 16 -4.68 -7.25 -17.21
C PHE C 16 -4.82 -8.51 -16.30
N GLN C 17 -4.42 -9.70 -16.79
CA GLN C 17 -4.56 -10.95 -16.01
C GLN C 17 -3.69 -10.96 -14.73
N GLY C 18 -2.57 -10.25 -14.76
CA GLY C 18 -1.64 -10.21 -13.64
C GLY C 18 -0.43 -11.11 -13.85
N TYR C 19 0.69 -10.77 -13.22
CA TYR C 19 1.92 -11.57 -13.33
C TYR C 19 1.83 -12.79 -12.44
N ASN C 20 2.40 -13.92 -12.87
CA ASN C 20 2.39 -15.13 -12.05
C ASN C 20 3.22 -14.85 -10.77
N GLU C 21 2.65 -15.19 -9.59
CA GLU C 21 3.24 -14.87 -8.28
C GLU C 21 4.59 -15.52 -8.08
N ALA C 22 4.73 -16.78 -8.52
CA ALA C 22 5.99 -17.54 -8.42
C ALA C 22 7.10 -16.86 -9.26
N ASP C 23 6.74 -16.27 -10.43
CA ASP C 23 7.73 -15.55 -11.28
C ASP C 23 8.14 -14.22 -10.64
N VAL C 24 7.18 -13.51 -10.03
CA VAL C 24 7.53 -12.25 -9.34
C VAL C 24 8.38 -12.57 -8.11
N ALA C 25 8.05 -13.64 -7.37
CA ALA C 25 8.84 -14.03 -6.18
C ALA C 25 10.30 -14.41 -6.56
N ALA C 26 10.48 -15.16 -7.67
CA ALA C 26 11.82 -15.51 -8.18
C ALA C 26 12.59 -14.25 -8.59
N LEU C 27 11.90 -13.28 -9.22
CA LEU C 27 12.54 -12.03 -9.59
C LEU C 27 13.03 -11.30 -8.34
N VAL C 28 12.21 -11.21 -7.29
CA VAL C 28 12.62 -10.53 -6.06
C VAL C 28 13.83 -11.23 -5.47
N ARG C 29 13.81 -12.56 -5.40
CA ARG C 29 14.91 -13.35 -4.82
C ARG C 29 16.22 -13.11 -5.57
N SER C 30 16.16 -12.90 -6.90
CA SER C 30 17.37 -12.68 -7.71
C SER C 30 18.02 -11.32 -7.46
N LEU C 31 17.31 -10.39 -6.79
CA LEU C 31 17.85 -9.08 -6.49
C LEU C 31 18.82 -9.11 -5.28
N ASP C 32 18.89 -10.23 -4.53
CA ASP C 32 19.82 -10.35 -3.39
C ASP C 32 21.23 -10.73 -3.92
N ARG C 33 22.14 -9.76 -3.97
CA ARG C 33 23.49 -9.95 -4.55
C ARG C 33 24.57 -10.05 -3.51
N ALA C 34 25.62 -10.84 -3.79
CA ALA C 34 26.81 -10.93 -2.93
C ALA C 34 27.60 -9.60 -3.00
N GLU C 35 27.51 -8.89 -4.14
CA GLU C 35 28.13 -7.59 -4.43
C GLU C 35 27.64 -6.50 -3.45
N ASP C 36 26.40 -6.67 -2.92
CA ASP C 36 25.81 -5.77 -1.95
C ASP C 36 26.03 -6.30 -0.52
N HIS C 37 26.79 -7.42 -0.40
CA HIS C 37 27.06 -8.15 0.84
C HIS C 37 25.73 -8.62 1.52
N HIS C 38 24.68 -8.88 0.69
CA HIS C 38 23.38 -9.40 1.13
C HIS C 38 22.71 -8.54 2.26
N ILE C 39 22.99 -7.22 2.32
CA ILE C 39 22.43 -6.39 3.41
C ILE C 39 20.94 -6.08 3.18
N PHE C 40 20.37 -6.35 1.98
CA PHE C 40 18.93 -6.12 1.74
C PHE C 40 18.12 -7.44 1.82
N ALA C 41 18.75 -8.55 2.18
CA ALA C 41 18.09 -9.86 2.20
C ALA C 41 17.14 -10.05 3.38
N VAL C 42 17.42 -9.43 4.52
CA VAL C 42 16.69 -9.72 5.75
C VAL C 42 16.35 -8.42 6.48
N ASP C 43 15.20 -8.39 7.15
CA ASP C 43 14.75 -7.27 7.98
C ASP C 43 15.93 -6.81 8.87
N VAL C 44 16.28 -5.51 8.85
CA VAL C 44 17.37 -4.95 9.64
C VAL C 44 17.21 -5.29 11.17
N LEU C 45 15.97 -5.20 11.69
CA LEU C 45 15.66 -5.42 13.11
C LEU C 45 15.63 -6.90 13.48
N GLU C 46 15.67 -7.81 12.51
CA GLU C 46 15.80 -9.23 12.76
C GLU C 46 17.28 -9.52 13.03
N THR C 47 18.16 -8.93 12.21
CA THR C 47 19.61 -9.05 12.38
C THR C 47 20.07 -8.32 13.63
N TYR C 48 19.59 -7.08 13.83
CA TYR C 48 20.00 -6.23 14.98
C TYR C 48 18.81 -5.74 15.81
N PRO C 49 18.25 -6.61 16.65
CA PRO C 49 17.08 -6.22 17.46
C PRO C 49 17.25 -4.93 18.31
N TYR C 50 18.46 -4.61 18.77
CA TYR C 50 18.66 -3.44 19.63
C TYR C 50 18.68 -2.11 18.83
N LEU C 51 18.64 -2.17 17.48
CA LEU C 51 18.50 -0.96 16.67
C LEU C 51 17.01 -0.49 16.59
N ALA C 52 16.04 -1.24 17.17
CA ALA C 52 14.61 -0.97 17.05
C ALA C 52 14.23 0.51 17.28
N GLU C 53 14.61 1.08 18.42
CA GLU C 53 14.25 2.46 18.77
C GLU C 53 14.99 3.47 17.86
N SER C 54 16.29 3.34 17.77
CA SER C 54 17.12 4.25 16.96
C SER C 54 16.74 4.22 15.46
N TYR C 55 16.67 3.01 14.87
CA TYR C 55 16.40 2.83 13.44
C TYR C 55 14.95 3.24 13.05
N THR C 56 13.95 2.93 13.89
CA THR C 56 12.54 3.25 13.60
C THR C 56 12.27 4.78 13.64
N LYS C 57 13.05 5.53 14.43
CA LYS C 57 12.92 6.99 14.49
C LYS C 57 13.36 7.62 13.15
N VAL C 58 14.41 7.08 12.51
CA VAL C 58 14.87 7.59 11.22
C VAL C 58 14.05 6.94 10.09
N CYS C 59 13.75 5.63 10.22
CA CYS C 59 13.03 4.85 9.22
C CYS C 59 11.74 4.29 9.80
N PRO C 60 10.61 5.07 9.82
CA PRO C 60 9.34 4.53 10.37
C PRO C 60 8.76 3.36 9.55
N ARG C 61 9.16 3.23 8.27
CA ARG C 61 8.73 2.13 7.41
C ARG C 61 9.97 1.35 6.99
N ARG C 62 9.85 0.03 6.92
CA ARG C 62 10.96 -0.84 6.53
C ARG C 62 10.52 -1.84 5.51
N CYS C 63 11.47 -2.38 4.77
CA CYS C 63 11.24 -3.53 3.91
C CYS C 63 12.56 -4.20 3.60
N ASP C 64 12.49 -5.43 3.09
CA ASP C 64 13.67 -6.22 2.75
C ASP C 64 13.24 -7.26 1.73
N LEU C 65 14.20 -7.96 1.11
CA LEU C 65 13.89 -8.86 0.00
C LEU C 65 13.18 -10.14 0.46
N ALA C 66 13.46 -10.65 1.67
CA ALA C 66 12.72 -11.83 2.16
C ALA C 66 11.24 -11.46 2.38
N THR C 67 10.96 -10.24 2.89
CA THR C 67 9.59 -9.76 3.09
C THR C 67 8.93 -9.52 1.74
N ALA C 68 9.62 -8.85 0.81
CA ALA C 68 9.08 -8.59 -0.53
C ALA C 68 8.85 -9.89 -1.30
N ALA C 69 9.70 -10.93 -1.09
CA ALA C 69 9.47 -12.23 -1.77
C ALA C 69 8.19 -12.87 -1.24
N GLN C 70 7.98 -12.82 0.09
CA GLN C 70 6.77 -13.37 0.70
C GLN C 70 5.52 -12.62 0.19
N LYS C 71 5.63 -11.27 0.12
CA LYS C 71 4.57 -10.40 -0.42
C LYS C 71 4.25 -10.74 -1.88
N ALA C 72 5.29 -11.03 -2.68
CA ALA C 72 5.12 -11.44 -4.08
C ALA C 72 4.30 -12.72 -4.18
N LEU C 73 4.56 -13.70 -3.30
CA LEU C 73 3.79 -14.97 -3.27
C LEU C 73 2.34 -14.75 -2.82
N GLU C 74 2.06 -13.68 -2.03
CA GLU C 74 0.69 -13.33 -1.61
C GLU C 74 -0.11 -12.62 -2.71
N GLY C 75 0.56 -12.22 -3.79
CA GLY C 75 -0.05 -11.53 -4.91
C GLY C 75 -0.01 -10.00 -4.79
N ALA C 76 0.87 -9.47 -3.90
CA ALA C 76 0.93 -8.03 -3.57
C ALA C 76 1.31 -7.17 -4.76
N TYR C 77 2.13 -7.70 -5.67
CA TYR C 77 2.65 -6.96 -6.83
C TYR C 77 2.13 -7.40 -8.19
N SER C 78 1.45 -8.55 -8.26
N SER C 78 1.43 -8.55 -8.25
CA SER C 78 1.10 -9.19 -9.53
CA SER C 78 1.02 -9.19 -9.51
C SER C 78 0.13 -8.38 -10.43
C SER C 78 0.17 -8.32 -10.43
N TYR C 79 -0.70 -7.48 -9.87
CA TYR C 79 -1.67 -6.74 -10.69
C TYR C 79 -1.17 -5.37 -11.15
N ASP C 80 0.02 -4.95 -10.74
CA ASP C 80 0.60 -3.70 -11.20
C ASP C 80 1.29 -3.98 -12.54
N LEU C 81 0.80 -3.35 -13.62
CA LEU C 81 1.28 -3.57 -14.99
C LEU C 81 2.82 -3.36 -15.12
N ARG C 82 3.39 -2.40 -14.39
CA ARG C 82 4.82 -2.13 -14.45
C ARG C 82 5.50 -2.38 -13.09
N LEU C 83 4.89 -3.26 -12.24
CA LEU C 83 5.39 -3.63 -10.91
C LEU C 83 5.73 -2.39 -10.08
N GLU C 84 4.85 -1.40 -10.14
CA GLU C 84 4.98 -0.13 -9.42
C GLU C 84 5.14 -0.34 -7.89
N GLY C 85 4.35 -1.26 -7.32
CA GLY C 85 4.40 -1.56 -5.89
C GLY C 85 5.71 -2.17 -5.46
N LEU C 86 6.28 -3.05 -6.29
CA LEU C 86 7.58 -3.67 -5.99
C LEU C 86 8.69 -2.61 -6.05
N LYS C 87 8.64 -1.75 -7.08
CA LYS C 87 9.62 -0.67 -7.23
C LYS C 87 9.62 0.26 -6.00
N ALA C 88 8.43 0.58 -5.46
CA ALA C 88 8.32 1.45 -4.28
C ALA C 88 8.95 0.79 -3.04
N ASP C 89 8.83 -0.56 -2.90
CA ASP C 89 9.48 -1.27 -1.77
C ASP C 89 10.99 -1.31 -1.95
N ILE C 90 11.48 -1.45 -3.20
CA ILE C 90 12.91 -1.42 -3.50
C ILE C 90 13.45 -0.04 -3.16
N ALA C 91 12.70 1.00 -3.55
CA ALA C 91 13.09 2.36 -3.28
C ALA C 91 13.15 2.65 -1.76
N LEU C 92 12.26 2.02 -0.96
CA LEU C 92 12.26 2.19 0.51
C LEU C 92 13.47 1.52 1.13
N MET C 93 13.81 0.28 0.68
CA MET C 93 15.03 -0.41 1.11
C MET C 93 16.27 0.48 0.89
N ALA C 94 16.40 1.05 -0.33
CA ALA C 94 17.56 1.90 -0.69
C ALA C 94 17.51 3.26 0.03
N SER C 95 16.31 3.85 0.16
CA SER C 95 16.13 5.13 0.86
C SER C 95 16.55 5.04 2.35
N ASN C 96 16.13 3.98 3.04
CA ASN C 96 16.47 3.79 4.46
C ASN C 96 17.96 3.60 4.66
N CYS C 97 18.58 2.80 3.78
CA CYS C 97 20.03 2.55 3.84
C CYS C 97 20.80 3.85 3.77
N VAL C 98 20.46 4.70 2.81
CA VAL C 98 21.11 5.98 2.62
C VAL C 98 20.86 6.92 3.84
N ALA C 99 19.60 6.98 4.30
CA ALA C 99 19.22 7.86 5.41
C ALA C 99 19.88 7.45 6.72
N TYR C 100 19.89 6.15 7.03
CA TYR C 100 20.40 5.67 8.30
C TYR C 100 21.92 5.65 8.36
N ASN C 101 22.57 5.24 7.28
CA ASN C 101 24.03 5.12 7.28
C ASN C 101 24.73 6.43 6.90
N GLY C 102 24.04 7.33 6.19
CA GLY C 102 24.59 8.61 5.77
C GLY C 102 24.82 8.63 4.28
N PRO C 103 24.50 9.74 3.57
CA PRO C 103 24.65 9.74 2.10
C PRO C 103 26.12 9.65 1.61
N THR C 104 27.11 9.88 2.50
CA THR C 104 28.53 9.74 2.12
C THR C 104 29.13 8.37 2.58
N SER C 105 28.33 7.51 3.23
CA SER C 105 28.82 6.21 3.69
C SER C 105 29.03 5.24 2.52
N ALA C 106 29.85 4.20 2.75
CA ALA C 106 30.16 3.20 1.73
C ALA C 106 28.94 2.40 1.31
N TYR C 107 28.04 2.04 2.27
CA TYR C 107 26.87 1.26 1.92
C TYR C 107 25.75 2.12 1.35
N ALA C 108 25.87 3.48 1.38
CA ALA C 108 24.91 4.34 0.68
C ALA C 108 25.13 4.23 -0.83
N GLU C 109 26.39 4.09 -1.25
CA GLU C 109 26.74 3.87 -2.66
C GLU C 109 26.22 2.50 -3.07
N THR C 110 26.35 1.49 -2.19
CA THR C 110 25.79 0.15 -2.43
C THR C 110 24.28 0.21 -2.63
N ALA C 111 23.58 1.05 -1.82
CA ALA C 111 22.14 1.23 -1.94
C ALA C 111 21.76 1.77 -3.31
N ALA C 112 22.50 2.75 -3.81
CA ALA C 112 22.23 3.37 -5.11
C ALA C 112 22.45 2.37 -6.26
N LYS C 113 23.55 1.60 -6.19
CA LYS C 113 23.87 0.57 -7.19
C LYS C 113 22.85 -0.57 -7.14
N PHE C 114 22.47 -0.99 -5.94
CA PHE C 114 21.41 -2.00 -5.76
C PHE C 114 20.08 -1.51 -6.39
N GLU C 115 19.66 -0.27 -6.08
CA GLU C 115 18.41 0.28 -6.61
C GLU C 115 18.45 0.32 -8.15
N ARG C 116 19.55 0.80 -8.70
CA ARG C 116 19.74 0.86 -10.15
C ARG C 116 19.64 -0.55 -10.78
N TYR C 117 20.27 -1.54 -10.14
CA TYR C 117 20.25 -2.92 -10.63
C TYR C 117 18.84 -3.50 -10.55
N ALA C 118 18.16 -3.34 -9.40
CA ALA C 118 16.81 -3.87 -9.20
C ALA C 118 15.82 -3.29 -10.21
N LEU C 119 15.89 -1.97 -10.45
CA LEU C 119 14.99 -1.33 -11.41
C LEU C 119 15.22 -1.83 -12.85
N GLU C 120 16.46 -2.11 -13.22
CA GLU C 120 16.77 -2.69 -14.55
C GLU C 120 16.19 -4.11 -14.68
N GLN C 121 16.26 -4.91 -13.60
CA GLN C 121 15.79 -6.29 -13.62
C GLN C 121 14.26 -6.32 -13.66
N ILE C 122 13.62 -5.40 -12.95
CA ILE C 122 12.17 -5.26 -12.93
C ILE C 122 11.68 -4.82 -14.32
N ASP C 123 12.27 -3.78 -14.89
CA ASP C 123 11.85 -3.29 -16.21
C ASP C 123 12.06 -4.38 -17.30
N ALA C 124 13.14 -5.16 -17.21
CA ALA C 124 13.38 -6.27 -18.15
C ALA C 124 12.32 -7.37 -17.99
N PHE C 125 11.89 -7.61 -16.74
CA PHE C 125 10.83 -8.58 -16.44
C PHE C 125 9.53 -8.13 -17.10
N VAL C 126 9.17 -6.86 -16.92
CA VAL C 126 7.96 -6.28 -17.48
C VAL C 126 7.98 -6.42 -19.02
N LEU C 127 9.11 -6.11 -19.68
CA LEU C 127 9.25 -6.23 -21.13
C LEU C 127 9.15 -7.70 -21.60
N GLU C 128 9.75 -8.64 -20.85
CA GLU C 128 9.74 -10.07 -21.20
C GLU C 128 8.32 -10.65 -21.18
N HIS C 129 7.48 -10.24 -20.20
CA HIS C 129 6.12 -10.78 -20.06
C HIS C 129 5.05 -9.84 -20.70
N ASN C 130 5.43 -9.06 -21.75
CA ASN C 130 4.49 -8.19 -22.48
C ASN C 130 4.97 -7.99 -23.92
#